data_8BWH
#
_entry.id   8BWH
#
_cell.length_a   63.166
_cell.length_b   147.336
_cell.length_c   77.070
_cell.angle_alpha   90.00
_cell.angle_beta   90.00
_cell.angle_gamma   90.00
#
_symmetry.space_group_name_H-M   'C 2 2 2'
#
loop_
_entity.id
_entity.type
_entity.pdbx_description
1 polymer '14-3-3 protein sigma'
2 polymer 'Carbohydrate-responsive element-binding protein'
3 non-polymer 'MAGNESIUM ION'
4 non-polymer '[2-[2-[[2,2-bis(fluoranyl)-2-(2-fluorophenyl)ethyl]amino]-2-oxidanylidene-ethoxy]phenyl]phosphonic acid'
5 water water
#
loop_
_entity_poly.entity_id
_entity_poly.type
_entity_poly.pdbx_seq_one_letter_code
_entity_poly.pdbx_strand_id
1 'polypeptide(L)'
;GAMGSMERASLIQKAKLAEQAERYEDMAAFMKGAVEKGEELSCEERNLLSVAYKNVVGGQRAAWRVLSSIEQKSNEEGSE
EKGPEVREYREKVETELQGVCDTVLGLLDSHLIKEAGDAESRVFYLKMKGDYYRYLAEVATGDDKKRIIDSARSAYQEAM
DISKKEMPPTNPIRLGLALNFSVFHYEIANSPEEAISLAKTTFDEAMADLHTLSEDSYKDSTLIMQLLRDNLTLWT
;
A
2 'polypeptide(L)' RDKIRLNNAIWRAWYIQY B
#
loop_
_chem_comp.id
_chem_comp.type
_chem_comp.name
_chem_comp.formula
MG non-polymer 'MAGNESIUM ION' 'Mg 2'
XSL non-polymer '[2-[2-[[2,2-bis(fluoranyl)-2-(2-fluorophenyl)ethyl]amino]-2-oxidanylidene-ethoxy]phenyl]phosphonic acid' 'C16 H15 F3 N O5 P'
#
# COMPACT_ATOMS: atom_id res chain seq x y z
N GLY A 1 15.02 1.54 20.79
CA GLY A 1 13.83 2.39 20.88
C GLY A 1 14.17 3.84 21.16
N ALA A 2 14.32 4.63 20.08
CA ALA A 2 14.60 6.06 20.18
C ALA A 2 13.38 6.87 20.65
N MET A 3 12.20 6.25 20.59
CA MET A 3 10.95 6.89 20.99
C MET A 3 10.41 6.34 22.30
N GLY A 4 11.18 5.44 22.94
CA GLY A 4 10.73 4.70 24.11
C GLY A 4 10.43 5.58 25.33
N SER A 5 11.11 6.73 25.45
CA SER A 5 10.94 7.61 26.59
C SER A 5 9.91 8.71 26.37
N MET A 6 9.35 8.79 25.16
CA MET A 6 8.37 9.83 24.85
C MET A 6 6.95 9.31 25.08
N GLU A 7 6.09 10.19 25.60
CA GLU A 7 4.67 9.91 25.80
C GLU A 7 3.99 9.49 24.50
N ARG A 8 3.06 8.54 24.59
CA ARG A 8 2.26 8.10 23.45
C ARG A 8 1.56 9.26 22.77
N ALA A 9 0.88 10.11 23.57
CA ALA A 9 0.15 11.25 23.04
C ALA A 9 1.08 12.25 22.33
N SER A 10 2.29 12.43 22.86
CA SER A 10 3.27 13.32 22.25
C SER A 10 3.77 12.79 20.91
N LEU A 11 3.97 11.46 20.82
CA LEU A 11 4.33 10.82 19.58
C LEU A 11 3.25 10.99 18.51
N ILE A 12 1.99 10.82 18.91
CA ILE A 12 0.86 11.02 18.00
C ILE A 12 0.80 12.48 17.52
N GLN A 13 1.05 13.43 18.43
CA GLN A 13 1.10 14.84 18.08
C GLN A 13 2.19 15.18 17.07
N LYS A 14 3.40 14.63 17.31
CA LYS A 14 4.55 14.91 16.46
C LYS A 14 4.43 14.23 15.09
N ALA A 15 3.71 13.09 15.04
CA ALA A 15 3.38 12.46 13.78
C ALA A 15 2.57 13.40 12.89
N LYS A 16 1.59 14.10 13.49
CA LYS A 16 0.75 15.03 12.77
C LYS A 16 1.50 16.27 12.31
N LEU A 17 2.40 16.79 13.16
CA LEU A 17 3.31 17.86 12.79
C LEU A 17 4.21 17.46 11.63
N ALA A 18 4.76 16.25 11.69
CA ALA A 18 5.60 15.71 10.64
C ALA A 18 4.85 15.56 9.32
N GLU A 19 3.56 15.16 9.40
CA GLU A 19 2.70 15.07 8.23
C GLU A 19 2.54 16.43 7.55
N GLN A 20 2.25 17.45 8.36
CA GLN A 20 2.11 18.81 7.85
C GLN A 20 3.39 19.33 7.23
N ALA A 21 4.54 18.97 7.83
CA ALA A 21 5.85 19.34 7.32
C ALA A 21 6.34 18.44 6.19
N GLU A 22 5.52 17.44 5.82
CA GLU A 22 5.88 16.46 4.80
C GLU A 22 7.20 15.76 5.13
N ARG A 23 7.38 15.45 6.41
CA ARG A 23 8.54 14.72 6.90
C ARG A 23 8.11 13.28 7.20
N TYR A 24 7.99 12.46 6.15
CA TYR A 24 7.32 11.18 6.26
C TYR A 24 8.16 10.11 6.97
N GLU A 25 9.49 10.20 6.86
CA GLU A 25 10.38 9.32 7.61
C GLU A 25 10.20 9.52 9.12
N ASP A 26 10.24 10.80 9.55
CA ASP A 26 9.97 11.17 10.93
C ASP A 26 8.58 10.72 11.39
N MET A 27 7.58 10.97 10.53
CA MET A 27 6.21 10.61 10.85
C MET A 27 6.08 9.10 11.09
N ALA A 28 6.70 8.30 10.21
CA ALA A 28 6.74 6.86 10.37
C ALA A 28 7.42 6.45 11.68
N ALA A 29 8.52 7.13 12.00
CA ALA A 29 9.28 6.86 13.22
C ALA A 29 8.45 7.15 14.48
N PHE A 30 7.69 8.24 14.45
CA PHE A 30 6.83 8.60 15.57
C PHE A 30 5.69 7.61 15.76
N MET A 31 5.06 7.20 14.65
CA MET A 31 3.95 6.24 14.69
C MET A 31 4.42 4.85 15.09
N LYS A 32 5.64 4.48 14.68
CA LYS A 32 6.26 3.23 15.14
C LYS A 32 6.40 3.23 16.65
N GLY A 33 6.90 4.36 17.20
CA GLY A 33 7.00 4.55 18.63
C GLY A 33 5.67 4.45 19.37
N ALA A 34 4.61 4.98 18.74
CA ALA A 34 3.27 4.93 19.31
C ALA A 34 2.73 3.50 19.35
N VAL A 35 2.92 2.76 18.26
CA VAL A 35 2.49 1.37 18.17
C VAL A 35 3.17 0.53 19.25
N GLU A 36 4.45 0.80 19.50
CA GLU A 36 5.26 0.03 20.43
C GLU A 36 4.91 0.27 21.90
N LYS A 37 4.01 1.22 22.18
CA LYS A 37 3.47 1.40 23.52
C LYS A 37 2.55 0.24 23.91
N GLY A 38 1.99 -0.45 22.90
CA GLY A 38 1.25 -1.68 23.11
C GLY A 38 -0.27 -1.52 23.19
N GLU A 39 -0.75 -0.29 23.02
CA GLU A 39 -2.18 -0.02 22.96
C GLU A 39 -2.66 -0.11 21.51
N GLU A 40 -3.95 -0.44 21.32
CA GLU A 40 -4.57 -0.41 20.02
C GLU A 40 -4.54 1.00 19.45
N LEU A 41 -4.67 1.10 18.11
CA LEU A 41 -4.74 2.38 17.44
C LEU A 41 -6.21 2.70 17.14
N SER A 42 -6.59 3.97 17.35
CA SER A 42 -7.87 4.47 16.87
C SER A 42 -7.85 4.50 15.35
N CYS A 43 -9.03 4.73 14.75
CA CYS A 43 -9.16 4.90 13.31
C CYS A 43 -8.17 5.95 12.82
N GLU A 44 -8.19 7.11 13.50
CA GLU A 44 -7.35 8.25 13.15
C GLU A 44 -5.87 7.88 13.17
N GLU A 45 -5.47 7.09 14.18
CA GLU A 45 -4.09 6.70 14.36
C GLU A 45 -3.61 5.69 13.32
N ARG A 46 -4.49 4.74 12.95
CA ARG A 46 -4.21 3.78 11.89
C ARG A 46 -3.93 4.47 10.56
N ASN A 47 -4.72 5.51 10.25
CA ASN A 47 -4.55 6.28 9.03
C ASN A 47 -3.22 7.01 9.00
N LEU A 48 -2.79 7.54 10.15
CA LEU A 48 -1.49 8.19 10.27
C LEU A 48 -0.35 7.20 10.03
N LEU A 49 -0.46 6.00 10.62
CA LEU A 49 0.52 4.95 10.45
C LEU A 49 0.67 4.59 8.97
N SER A 50 -0.49 4.42 8.30
CA SER A 50 -0.52 4.08 6.89
C SER A 50 0.02 5.19 6.00
N VAL A 51 -0.45 6.43 6.21
CA VAL A 51 0.00 7.56 5.42
C VAL A 51 1.52 7.71 5.48
N ALA A 52 2.08 7.57 6.69
CA ALA A 52 3.51 7.71 6.91
C ALA A 52 4.32 6.73 6.07
N TYR A 53 4.06 5.43 6.26
CA TYR A 53 4.85 4.39 5.62
C TYR A 53 4.55 4.24 4.13
N LYS A 54 3.30 4.55 3.75
CA LYS A 54 2.91 4.55 2.34
C LYS A 54 3.73 5.56 1.56
N ASN A 55 3.93 6.75 2.13
CA ASN A 55 4.71 7.81 1.50
C ASN A 55 6.20 7.53 1.48
N VAL A 56 6.73 6.92 2.55
CA VAL A 56 8.13 6.56 2.61
C VAL A 56 8.45 5.55 1.51
N VAL A 57 7.72 4.42 1.51
CA VAL A 57 7.95 3.37 0.54
C VAL A 57 7.58 3.86 -0.87
N GLY A 58 6.61 4.78 -0.95
CA GLY A 58 6.22 5.40 -2.21
C GLY A 58 7.35 6.20 -2.88
N GLY A 59 8.11 6.95 -2.07
CA GLY A 59 9.28 7.66 -2.57
C GLY A 59 10.37 6.71 -3.05
N GLN A 60 10.57 5.62 -2.31
CA GLN A 60 11.55 4.59 -2.66
C GLN A 60 11.18 3.85 -3.94
N ARG A 61 9.89 3.49 -4.05
CA ARG A 61 9.39 2.86 -5.27
C ARG A 61 9.59 3.77 -6.48
N ALA A 62 9.24 5.05 -6.32
CA ALA A 62 9.39 6.04 -7.39
C ALA A 62 10.84 6.15 -7.85
N ALA A 63 11.76 6.21 -6.89
CA ALA A 63 13.19 6.28 -7.16
C ALA A 63 13.68 5.00 -7.85
N TRP A 64 13.20 3.85 -7.35
CA TRP A 64 13.50 2.56 -7.94
C TRP A 64 13.11 2.53 -9.42
N ARG A 65 11.91 3.03 -9.72
CA ARG A 65 11.39 3.05 -11.09
C ARG A 65 12.22 3.93 -12.02
N VAL A 66 12.62 5.10 -11.53
CA VAL A 66 13.48 6.00 -12.28
C VAL A 66 14.80 5.33 -12.66
N LEU A 67 15.42 4.68 -11.67
CA LEU A 67 16.69 3.98 -11.87
C LEU A 67 16.52 2.77 -12.77
N SER A 68 15.40 2.05 -12.60
CA SER A 68 15.08 0.91 -13.44
C SER A 68 14.92 1.33 -14.91
N SER A 69 14.27 2.48 -15.13
CA SER A 69 14.08 3.01 -16.47
C SER A 69 15.40 3.37 -17.13
N ILE A 70 16.27 4.07 -16.38
CA ILE A 70 17.60 4.42 -16.83
C ILE A 70 18.39 3.15 -17.21
N GLU A 71 18.26 2.13 -16.38
CA GLU A 71 18.97 0.87 -16.57
C GLU A 71 18.51 0.10 -17.81
N GLN A 72 17.24 0.32 -18.20
CA GLN A 72 16.69 -0.27 -19.42
C GLN A 72 17.32 0.30 -20.70
N LYS A 73 17.50 1.63 -20.73
CA LYS A 73 18.13 2.29 -21.87
C LYS A 73 19.59 1.84 -22.01
N SER A 74 20.31 1.78 -20.89
CA SER A 74 21.65 1.21 -20.85
C SER A 74 21.61 -0.30 -20.98
N ASN A 75 22.79 -0.92 -21.07
CA ASN A 75 22.91 -2.37 -21.20
C ASN A 75 22.11 -2.86 -22.41
N GLU A 76 22.26 -2.18 -23.54
CA GLU A 76 21.37 -2.36 -24.68
C GLU A 76 22.09 -2.13 -26.00
N GLU A 77 21.54 -2.72 -27.07
CA GLU A 77 22.06 -2.53 -28.42
C GLU A 77 21.91 -1.07 -28.85
N GLY A 78 23.03 -0.43 -29.20
CA GLY A 78 23.05 0.97 -29.59
C GLY A 78 23.65 1.86 -28.50
N SER A 79 23.09 1.76 -27.30
CA SER A 79 23.58 2.49 -26.13
C SER A 79 24.61 1.68 -25.37
N GLU A 80 25.80 1.53 -25.97
CA GLU A 80 26.89 0.79 -25.35
C GLU A 80 27.68 1.70 -24.40
N GLU A 81 27.11 1.90 -23.20
CA GLU A 81 27.75 2.67 -22.16
C GLU A 81 27.19 2.15 -20.84
N LYS A 82 27.83 1.11 -20.31
CA LYS A 82 27.28 0.32 -19.22
C LYS A 82 27.83 0.78 -17.87
N GLY A 83 28.84 0.07 -17.34
CA GLY A 83 29.33 0.30 -15.98
C GLY A 83 28.37 -0.24 -14.92
N PRO A 84 28.87 -0.60 -13.72
CA PRO A 84 28.01 -1.16 -12.66
C PRO A 84 27.19 -0.15 -11.85
N GLU A 85 27.39 1.15 -12.10
CA GLU A 85 26.90 2.21 -11.22
C GLU A 85 25.37 2.23 -11.08
N VAL A 86 24.66 2.15 -12.21
CA VAL A 86 23.20 2.19 -12.20
C VAL A 86 22.63 1.02 -11.39
N ARG A 87 23.11 -0.20 -11.67
CA ARG A 87 22.67 -1.38 -10.94
C ARG A 87 22.93 -1.20 -9.45
N GLU A 88 24.18 -0.85 -9.10
CA GLU A 88 24.60 -0.70 -7.72
C GLU A 88 23.70 0.25 -6.94
N TYR A 89 23.40 1.41 -7.51
CA TYR A 89 22.58 2.41 -6.83
C TYR A 89 21.13 1.94 -6.73
N ARG A 90 20.65 1.25 -7.77
CA ARG A 90 19.31 0.70 -7.78
C ARG A 90 19.16 -0.35 -6.67
N GLU A 91 20.17 -1.23 -6.55
CA GLU A 91 20.22 -2.22 -5.47
C GLU A 91 20.26 -1.61 -4.08
N LYS A 92 20.91 -0.44 -3.96
CA LYS A 92 20.94 0.31 -2.71
C LYS A 92 19.53 0.76 -2.33
N VAL A 93 18.81 1.35 -3.29
CA VAL A 93 17.43 1.78 -3.06
C VAL A 93 16.57 0.58 -2.71
N GLU A 94 16.79 -0.53 -3.42
CA GLU A 94 16.05 -1.76 -3.24
C GLU A 94 16.18 -2.29 -1.82
N THR A 95 17.42 -2.31 -1.30
CA THR A 95 17.71 -2.79 0.04
C THR A 95 17.04 -1.94 1.13
N GLU A 96 17.04 -0.62 0.94
CA GLU A 96 16.37 0.29 1.86
C GLU A 96 14.86 0.09 1.86
N LEU A 97 14.30 -0.05 0.65
CA LEU A 97 12.87 -0.28 0.45
C LEU A 97 12.43 -1.58 1.14
N GLN A 98 13.25 -2.63 0.99
CA GLN A 98 13.03 -3.89 1.69
C GLN A 98 13.09 -3.71 3.21
N GLY A 99 14.03 -2.89 3.68
CA GLY A 99 14.17 -2.59 5.10
C GLY A 99 12.91 -1.97 5.72
N VAL A 100 12.29 -1.03 4.99
CA VAL A 100 11.10 -0.35 5.45
C VAL A 100 9.87 -1.28 5.43
N CYS A 101 9.71 -2.05 4.35
CA CYS A 101 8.66 -3.05 4.25
C CYS A 101 8.74 -4.06 5.39
N ASP A 102 9.96 -4.53 5.70
CA ASP A 102 10.16 -5.45 6.80
C ASP A 102 9.80 -4.86 8.17
N THR A 103 10.09 -3.57 8.35
CA THR A 103 9.73 -2.85 9.56
C THR A 103 8.22 -2.84 9.76
N VAL A 104 7.50 -2.46 8.69
CA VAL A 104 6.05 -2.38 8.71
C VAL A 104 5.42 -3.75 8.98
N LEU A 105 5.87 -4.77 8.24
CA LEU A 105 5.36 -6.13 8.41
C LEU A 105 5.67 -6.66 9.80
N GLY A 106 6.80 -6.24 10.36
CA GLY A 106 7.16 -6.53 11.74
C GLY A 106 6.18 -5.95 12.76
N LEU A 107 5.83 -4.66 12.59
CA LEU A 107 4.85 -3.99 13.42
C LEU A 107 3.47 -4.65 13.33
N LEU A 108 3.10 -5.06 12.11
CA LEU A 108 1.82 -5.70 11.86
C LEU A 108 1.74 -7.07 12.55
N ASP A 109 2.78 -7.91 12.34
CA ASP A 109 2.83 -9.24 12.94
C ASP A 109 3.07 -9.18 14.45
N SER A 110 3.93 -8.24 14.89
CA SER A 110 4.04 -7.87 16.28
C SER A 110 4.02 -6.34 16.38
N HIS A 111 2.84 -5.76 16.66
CA HIS A 111 1.74 -6.42 17.33
C HIS A 111 0.44 -5.64 17.11
N LEU A 112 0.00 -5.57 15.85
CA LEU A 112 -1.24 -4.89 15.47
C LEU A 112 -2.36 -5.84 15.06
N ILE A 113 -2.01 -6.92 14.33
CA ILE A 113 -2.98 -7.86 13.82
C ILE A 113 -3.62 -8.69 14.94
N LYS A 114 -2.77 -9.30 15.78
CA LYS A 114 -3.24 -10.15 16.86
C LYS A 114 -4.01 -9.37 17.93
N GLU A 115 -3.59 -8.12 18.20
CA GLU A 115 -4.23 -7.30 19.22
C GLU A 115 -5.52 -6.63 18.76
N ALA A 116 -5.83 -6.73 17.46
CA ALA A 116 -7.04 -6.13 16.90
C ALA A 116 -8.29 -6.90 17.31
N GLY A 117 -9.31 -6.18 17.80
CA GLY A 117 -10.60 -6.75 18.15
C GLY A 117 -11.68 -6.44 17.12
N ASP A 118 -11.79 -5.16 16.76
CA ASP A 118 -12.72 -4.69 15.75
C ASP A 118 -12.44 -5.31 14.39
N ALA A 119 -13.49 -5.66 13.66
CA ALA A 119 -13.36 -6.30 12.35
C ALA A 119 -12.80 -5.33 11.31
N GLU A 120 -13.15 -4.04 11.44
CA GLU A 120 -12.64 -3.00 10.57
C GLU A 120 -11.12 -2.86 10.70
N SER A 121 -10.63 -2.91 11.94
CA SER A 121 -9.21 -2.77 12.22
C SER A 121 -8.41 -3.99 11.77
N ARG A 122 -8.99 -5.20 11.93
CA ARG A 122 -8.32 -6.41 11.51
C ARG A 122 -8.15 -6.45 10.00
N VAL A 123 -9.18 -6.01 9.26
CA VAL A 123 -9.10 -5.90 7.81
C VAL A 123 -8.07 -4.84 7.39
N PHE A 124 -8.06 -3.71 8.10
CA PHE A 124 -7.13 -2.62 7.80
C PHE A 124 -5.68 -3.11 7.82
N TYR A 125 -5.32 -3.85 8.88
CA TYR A 125 -3.96 -4.33 9.05
C TYR A 125 -3.62 -5.49 8.11
N LEU A 126 -4.63 -6.31 7.78
CA LEU A 126 -4.47 -7.36 6.79
C LEU A 126 -4.30 -6.79 5.38
N LYS A 127 -5.00 -5.69 5.09
CA LYS A 127 -4.79 -4.98 3.84
C LYS A 127 -3.36 -4.44 3.75
N MET A 128 -2.92 -3.79 4.84
CA MET A 128 -1.56 -3.28 4.94
C MET A 128 -0.53 -4.39 4.71
N LYS A 129 -0.72 -5.52 5.40
CA LYS A 129 0.14 -6.68 5.24
C LYS A 129 0.26 -7.08 3.76
N GLY A 130 -0.89 -7.23 3.09
CA GLY A 130 -0.92 -7.49 1.67
C GLY A 130 -0.16 -6.46 0.84
N ASP A 131 -0.33 -5.18 1.17
CA ASP A 131 0.33 -4.08 0.47
C ASP A 131 1.86 -4.13 0.55
N TYR A 132 2.39 -4.35 1.76
CA TYR A 132 3.83 -4.28 1.95
C TYR A 132 4.53 -5.55 1.47
N TYR A 133 3.79 -6.66 1.38
CA TYR A 133 4.28 -7.83 0.65
C TYR A 133 4.25 -7.57 -0.86
N ARG A 134 3.22 -6.87 -1.34
CA ARG A 134 3.16 -6.48 -2.75
C ARG A 134 4.37 -5.64 -3.14
N TYR A 135 4.75 -4.68 -2.29
CA TYR A 135 5.88 -3.81 -2.58
C TYR A 135 7.20 -4.59 -2.61
N LEU A 136 7.34 -5.56 -1.69
CA LEU A 136 8.46 -6.48 -1.73
C LEU A 136 8.47 -7.30 -3.01
N ALA A 137 7.27 -7.73 -3.45
CA ALA A 137 7.13 -8.54 -4.64
C ALA A 137 7.61 -7.83 -5.90
N GLU A 138 7.39 -6.50 -5.97
CA GLU A 138 7.77 -5.71 -7.12
C GLU A 138 9.27 -5.71 -7.41
N VAL A 139 10.10 -5.94 -6.36
CA VAL A 139 11.55 -5.92 -6.51
C VAL A 139 12.23 -7.25 -6.18
N ALA A 140 11.46 -8.29 -5.87
CA ALA A 140 12.02 -9.59 -5.49
C ALA A 140 12.23 -10.49 -6.71
N THR A 141 12.95 -11.61 -6.49
CA THR A 141 13.19 -12.60 -7.52
C THR A 141 13.22 -14.02 -6.94
N GLY A 142 13.01 -15.01 -7.82
CA GLY A 142 13.20 -16.41 -7.48
C GLY A 142 12.23 -16.95 -6.43
N ASP A 143 12.76 -17.80 -5.55
CA ASP A 143 11.96 -18.45 -4.51
C ASP A 143 11.48 -17.45 -3.45
N ASP A 144 12.28 -16.41 -3.21
CA ASP A 144 11.89 -15.32 -2.31
C ASP A 144 10.61 -14.65 -2.81
N LYS A 145 10.57 -14.36 -4.11
CA LYS A 145 9.43 -13.72 -4.74
C LYS A 145 8.16 -14.58 -4.62
N LYS A 146 8.30 -15.89 -4.83
CA LYS A 146 7.19 -16.83 -4.73
C LYS A 146 6.56 -16.82 -3.34
N ARG A 147 7.41 -16.89 -2.30
CA ARG A 147 6.94 -16.86 -0.92
C ARG A 147 6.20 -15.55 -0.63
N ILE A 148 6.75 -14.44 -1.12
CA ILE A 148 6.17 -13.11 -0.92
C ILE A 148 4.78 -12.99 -1.55
N ILE A 149 4.64 -13.50 -2.78
CA ILE A 149 3.37 -13.46 -3.49
C ILE A 149 2.28 -14.23 -2.73
N ASP A 150 2.63 -15.41 -2.21
CA ASP A 150 1.71 -16.23 -1.45
C ASP A 150 1.26 -15.54 -0.16
N SER A 151 2.20 -14.88 0.52
CA SER A 151 1.91 -14.14 1.73
C SER A 151 0.99 -12.93 1.48
N ALA A 152 1.20 -12.25 0.35
CA ALA A 152 0.36 -11.14 -0.06
C ALA A 152 -1.07 -11.60 -0.33
N ARG A 153 -1.20 -12.67 -1.13
CA ARG A 153 -2.51 -13.22 -1.47
C ARG A 153 -3.27 -13.67 -0.22
N SER A 154 -2.58 -14.38 0.66
CA SER A 154 -3.17 -14.89 1.89
C SER A 154 -3.70 -13.80 2.81
N ALA A 155 -2.94 -12.71 2.93
CA ALA A 155 -3.35 -11.56 3.73
C ALA A 155 -4.55 -10.84 3.11
N TYR A 156 -4.45 -10.58 1.79
CA TYR A 156 -5.54 -9.96 1.05
C TYR A 156 -6.83 -10.78 1.10
N GLN A 157 -6.71 -12.09 0.92
CA GLN A 157 -7.86 -12.97 0.82
C GLN A 157 -8.63 -13.06 2.13
N GLU A 158 -7.90 -13.16 3.25
CA GLU A 158 -8.52 -13.17 4.57
C GLU A 158 -9.19 -11.83 4.86
N ALA A 159 -8.55 -10.73 4.42
CA ALA A 159 -9.14 -9.41 4.56
C ALA A 159 -10.45 -9.30 3.81
N MET A 160 -10.49 -9.87 2.59
CA MET A 160 -11.67 -9.84 1.73
C MET A 160 -12.83 -10.61 2.35
N ASP A 161 -12.52 -11.80 2.89
CA ASP A 161 -13.53 -12.65 3.52
C ASP A 161 -14.20 -11.94 4.70
N ILE A 162 -13.39 -11.28 5.54
CA ILE A 162 -13.90 -10.55 6.68
C ILE A 162 -14.71 -9.34 6.24
N SER A 163 -14.22 -8.63 5.21
CA SER A 163 -14.84 -7.40 4.75
C SER A 163 -16.20 -7.64 4.09
N LYS A 164 -16.32 -8.74 3.34
CA LYS A 164 -17.59 -9.13 2.74
C LYS A 164 -18.63 -9.53 3.79
N LYS A 165 -18.17 -10.06 4.92
CA LYS A 165 -19.06 -10.51 5.98
C LYS A 165 -19.46 -9.40 6.94
N GLU A 166 -18.55 -8.46 7.20
CA GLU A 166 -18.71 -7.51 8.31
C GLU A 166 -18.94 -6.05 7.91
N MET A 167 -18.68 -5.70 6.64
CA MET A 167 -18.68 -4.31 6.21
C MET A 167 -19.62 -4.08 5.02
N PRO A 168 -20.28 -2.91 4.92
CA PRO A 168 -21.11 -2.59 3.76
C PRO A 168 -20.26 -2.40 2.50
N PRO A 169 -20.85 -2.52 1.29
CA PRO A 169 -20.08 -2.45 0.04
C PRO A 169 -19.43 -1.10 -0.27
N THR A 170 -19.91 -0.03 0.38
CA THR A 170 -19.34 1.30 0.21
C THR A 170 -18.31 1.70 1.27
N ASN A 171 -18.07 0.81 2.26
CA ASN A 171 -17.10 1.09 3.29
C ASN A 171 -15.73 1.36 2.65
N PRO A 172 -15.04 2.45 3.03
CA PRO A 172 -13.82 2.87 2.32
C PRO A 172 -12.66 1.87 2.44
N ILE A 173 -12.57 1.21 3.59
CA ILE A 173 -11.55 0.20 3.84
C ILE A 173 -11.83 -1.05 2.99
N ARG A 174 -13.10 -1.46 2.93
CA ARG A 174 -13.49 -2.55 2.05
C ARG A 174 -13.18 -2.21 0.59
N LEU A 175 -13.54 -0.99 0.17
CA LEU A 175 -13.28 -0.55 -1.19
C LEU A 175 -11.77 -0.46 -1.48
N GLY A 176 -11.03 0.16 -0.54
CA GLY A 176 -9.59 0.30 -0.67
C GLY A 176 -8.87 -1.05 -0.74
N LEU A 177 -9.36 -2.03 0.02
CA LEU A 177 -8.82 -3.37 0.01
C LEU A 177 -9.02 -4.05 -1.35
N ALA A 178 -10.24 -3.98 -1.88
CA ALA A 178 -10.56 -4.59 -3.15
C ALA A 178 -9.78 -3.94 -4.28
N LEU A 179 -9.65 -2.60 -4.22
CA LEU A 179 -8.85 -1.85 -5.18
C LEU A 179 -7.42 -2.38 -5.26
N ASN A 180 -6.77 -2.53 -4.10
CA ASN A 180 -5.39 -2.93 -4.04
C ASN A 180 -5.18 -4.42 -4.33
N PHE A 181 -6.15 -5.26 -3.91
CA PHE A 181 -6.12 -6.66 -4.27
C PHE A 181 -6.28 -6.83 -5.78
N SER A 182 -7.11 -5.96 -6.38
CA SER A 182 -7.25 -5.88 -7.83
C SER A 182 -5.92 -5.56 -8.49
N VAL A 183 -5.19 -4.59 -7.92
CA VAL A 183 -3.86 -4.21 -8.41
C VAL A 183 -2.89 -5.38 -8.26
N PHE A 184 -2.96 -6.09 -7.13
CA PHE A 184 -2.17 -7.29 -6.91
C PHE A 184 -2.35 -8.30 -8.04
N HIS A 185 -3.62 -8.58 -8.38
CA HIS A 185 -3.95 -9.51 -9.45
C HIS A 185 -3.28 -9.08 -10.75
N TYR A 186 -3.39 -7.79 -11.08
CA TYR A 186 -2.92 -7.27 -12.35
C TYR A 186 -1.40 -7.19 -12.45
N GLU A 187 -0.76 -6.66 -11.40
CA GLU A 187 0.65 -6.29 -11.45
C GLU A 187 1.60 -7.31 -10.84
N ILE A 188 1.09 -8.18 -9.95
CA ILE A 188 1.94 -9.12 -9.24
C ILE A 188 1.64 -10.57 -9.61
N ALA A 189 0.38 -10.99 -9.48
CA ALA A 189 -0.01 -12.37 -9.67
C ALA A 189 -0.26 -12.75 -11.13
N ASN A 190 -0.13 -11.76 -12.02
CA ASN A 190 -0.24 -11.98 -13.46
C ASN A 190 -1.60 -12.60 -13.80
N SER A 191 -2.66 -11.99 -13.27
CA SER A 191 -4.03 -12.44 -13.46
C SER A 191 -4.92 -11.25 -13.81
N PRO A 192 -4.73 -10.62 -15.00
CA PRO A 192 -5.47 -9.40 -15.35
C PRO A 192 -6.98 -9.57 -15.44
N GLU A 193 -7.43 -10.79 -15.80
CA GLU A 193 -8.84 -11.09 -15.89
C GLU A 193 -9.51 -10.99 -14.52
N GLU A 194 -8.84 -11.56 -13.50
CA GLU A 194 -9.35 -11.52 -12.14
C GLU A 194 -9.26 -10.11 -11.55
N ALA A 195 -8.27 -9.33 -12.01
CA ALA A 195 -8.14 -7.94 -11.61
C ALA A 195 -9.30 -7.10 -12.11
N ILE A 196 -9.65 -7.27 -13.39
CA ILE A 196 -10.77 -6.57 -14.01
C ILE A 196 -12.08 -7.03 -13.38
N SER A 197 -12.25 -8.34 -13.21
CA SER A 197 -13.44 -8.92 -12.61
C SER A 197 -13.72 -8.37 -11.22
N LEU A 198 -12.69 -8.34 -10.37
CA LEU A 198 -12.84 -7.85 -9.00
C LEU A 198 -13.14 -6.36 -8.98
N ALA A 199 -12.36 -5.58 -9.74
CA ALA A 199 -12.56 -4.14 -9.83
C ALA A 199 -13.98 -3.78 -10.24
N LYS A 200 -14.51 -4.48 -11.25
CA LYS A 200 -15.84 -4.23 -11.76
C LYS A 200 -16.92 -4.58 -10.74
N THR A 201 -16.83 -5.80 -10.21
CA THR A 201 -17.75 -6.27 -9.19
C THR A 201 -17.82 -5.32 -8.00
N THR A 202 -16.64 -4.87 -7.53
CA THR A 202 -16.57 -3.98 -6.38
C THR A 202 -17.30 -2.68 -6.66
N PHE A 203 -17.07 -2.12 -7.86
CA PHE A 203 -17.71 -0.88 -8.27
C PHE A 203 -19.22 -1.01 -8.39
N ASP A 204 -19.67 -2.07 -9.08
CA ASP A 204 -21.08 -2.32 -9.30
C ASP A 204 -21.85 -2.61 -8.01
N GLU A 205 -21.21 -3.30 -7.06
CA GLU A 205 -21.84 -3.62 -5.79
C GLU A 205 -21.88 -2.40 -4.87
N ALA A 206 -20.90 -1.50 -5.04
CA ALA A 206 -20.89 -0.22 -4.35
C ALA A 206 -22.04 0.66 -4.86
N MET A 207 -22.23 0.68 -6.18
CA MET A 207 -23.30 1.43 -6.81
C MET A 207 -24.66 0.86 -6.45
N ALA A 208 -24.78 -0.48 -6.48
CA ALA A 208 -26.00 -1.16 -6.12
C ALA A 208 -26.45 -0.88 -4.69
N ASP A 209 -25.50 -0.60 -3.78
CA ASP A 209 -25.82 -0.25 -2.41
C ASP A 209 -25.19 1.08 -2.01
N LEU A 210 -25.38 2.09 -2.87
CA LEU A 210 -24.85 3.42 -2.65
C LEU A 210 -25.45 4.08 -1.42
N HIS A 211 -26.66 3.67 -1.04
CA HIS A 211 -27.37 4.17 0.12
C HIS A 211 -26.58 3.91 1.42
N THR A 212 -25.63 2.97 1.40
CA THR A 212 -24.82 2.66 2.57
C THR A 212 -23.64 3.59 2.81
N LEU A 213 -23.50 4.64 1.99
CA LEU A 213 -22.45 5.64 2.21
C LEU A 213 -22.57 6.26 3.59
N SER A 214 -21.42 6.38 4.28
CA SER A 214 -21.38 6.96 5.61
C SER A 214 -21.09 8.46 5.55
N GLU A 215 -21.88 9.23 6.32
CA GLU A 215 -21.66 10.66 6.50
C GLU A 215 -20.21 10.99 6.84
N ASP A 216 -19.58 10.10 7.61
CA ASP A 216 -18.21 10.30 8.08
C ASP A 216 -17.13 10.06 7.02
N SER A 217 -17.45 9.34 5.94
CA SER A 217 -16.42 8.87 5.02
C SER A 217 -16.83 8.68 3.56
N TYR A 218 -17.90 9.35 3.12
CA TYR A 218 -18.40 9.17 1.77
C TYR A 218 -17.44 9.72 0.72
N LYS A 219 -16.66 10.74 1.11
CA LYS A 219 -15.65 11.33 0.22
C LYS A 219 -14.55 10.33 -0.11
N ASP A 220 -14.09 9.60 0.92
CA ASP A 220 -13.14 8.51 0.73
C ASP A 220 -13.73 7.43 -0.17
N SER A 221 -14.98 7.05 0.10
CA SER A 221 -15.64 6.00 -0.65
C SER A 221 -15.81 6.34 -2.13
N THR A 222 -16.29 7.55 -2.43
CA THR A 222 -16.51 7.96 -3.81
C THR A 222 -15.18 8.06 -4.57
N LEU A 223 -14.12 8.49 -3.87
CA LEU A 223 -12.80 8.62 -4.49
C LEU A 223 -12.24 7.25 -4.90
N ILE A 224 -12.34 6.26 -4.00
CA ILE A 224 -11.89 4.91 -4.32
C ILE A 224 -12.72 4.30 -5.45
N MET A 225 -14.03 4.62 -5.49
CA MET A 225 -14.91 4.14 -6.53
C MET A 225 -14.48 4.69 -7.90
N GLN A 226 -14.05 5.96 -7.90
CA GLN A 226 -13.53 6.58 -9.10
C GLN A 226 -12.19 5.97 -9.52
N LEU A 227 -11.33 5.65 -8.54
CA LEU A 227 -10.05 5.01 -8.82
C LEU A 227 -10.24 3.62 -9.44
N LEU A 228 -11.21 2.87 -8.93
CA LEU A 228 -11.59 1.59 -9.52
C LEU A 228 -11.97 1.74 -10.99
N ARG A 229 -12.84 2.72 -11.28
CA ARG A 229 -13.27 2.99 -12.64
C ARG A 229 -12.12 3.41 -13.55
N ASP A 230 -11.16 4.17 -13.00
CA ASP A 230 -10.01 4.63 -13.74
C ASP A 230 -9.05 3.49 -14.10
N ASN A 231 -8.81 2.58 -13.15
CA ASN A 231 -8.00 1.40 -13.41
C ASN A 231 -8.64 0.51 -14.47
N LEU A 232 -9.98 0.38 -14.42
CA LEU A 232 -10.72 -0.36 -15.43
C LEU A 232 -10.58 0.26 -16.82
N THR A 233 -10.57 1.60 -16.87
CA THR A 233 -10.34 2.31 -18.12
C THR A 233 -8.98 1.93 -18.72
N LEU A 234 -7.94 1.95 -17.89
CA LEU A 234 -6.59 1.59 -18.31
C LEU A 234 -6.45 0.13 -18.71
N TRP A 235 -7.02 -0.77 -17.89
CA TRP A 235 -6.80 -2.20 -18.05
C TRP A 235 -7.62 -2.85 -19.16
N THR A 236 -8.74 -2.23 -19.54
CA THR A 236 -9.56 -2.72 -20.64
C THR A 236 -9.40 -1.81 -21.85
N ARG B 1 -8.60 15.72 -5.79
CA ARG B 1 -9.08 14.41 -6.17
C ARG B 1 -8.54 14.01 -7.54
N ASP B 2 -8.73 14.89 -8.53
CA ASP B 2 -8.21 14.69 -9.87
C ASP B 2 -6.69 14.60 -9.91
N LYS B 3 -6.03 15.20 -8.91
CA LYS B 3 -4.59 15.13 -8.74
C LYS B 3 -4.19 13.74 -8.24
N ILE B 4 -4.90 13.25 -7.22
CA ILE B 4 -4.74 11.89 -6.74
C ILE B 4 -5.05 10.90 -7.87
N ARG B 5 -6.09 11.21 -8.65
CA ARG B 5 -6.48 10.37 -9.78
C ARG B 5 -5.40 10.31 -10.86
N LEU B 6 -4.82 11.47 -11.19
CA LEU B 6 -3.80 11.55 -12.21
C LEU B 6 -2.56 10.75 -11.80
N ASN B 7 -2.09 10.98 -10.57
CA ASN B 7 -0.98 10.24 -10.00
C ASN B 7 -1.22 8.73 -10.09
N ASN B 8 -2.41 8.30 -9.67
CA ASN B 8 -2.76 6.88 -9.71
C ASN B 8 -2.64 6.31 -11.12
N ALA B 9 -3.21 7.01 -12.10
CA ALA B 9 -3.19 6.58 -13.49
C ALA B 9 -1.78 6.45 -14.03
N ILE B 10 -0.91 7.42 -13.69
CA ILE B 10 0.47 7.42 -14.14
C ILE B 10 1.25 6.26 -13.54
N TRP B 11 1.07 6.02 -12.23
CA TRP B 11 1.69 4.90 -11.54
C TRP B 11 1.25 3.55 -12.11
N ARG B 12 -0.07 3.39 -12.29
CA ARG B 12 -0.65 2.17 -12.83
C ARG B 12 -0.23 1.96 -14.29
N ALA B 13 -0.10 3.06 -15.04
CA ALA B 13 0.32 3.01 -16.43
C ALA B 13 1.77 2.57 -16.57
N TRP B 14 2.62 2.97 -15.62
CA TRP B 14 4.03 2.61 -15.64
C TRP B 14 4.22 1.10 -15.78
N TYR B 15 3.49 0.33 -14.98
CA TYR B 15 3.57 -1.13 -15.03
C TYR B 15 3.23 -1.67 -16.42
N ILE B 16 2.17 -1.11 -17.02
CA ILE B 16 1.68 -1.57 -18.32
C ILE B 16 2.71 -1.31 -19.42
N GLN B 17 3.38 -0.16 -19.33
CA GLN B 17 4.34 0.27 -20.34
C GLN B 17 5.69 -0.41 -20.19
N TYR B 18 6.19 -0.48 -18.95
CA TYR B 18 7.52 -1.03 -18.68
C TYR B 18 7.44 -2.49 -18.24
MG MG C . -14.56 -10.98 -8.53
MG MG D . 1.99 5.33 30.19
MG MG E . 18.72 -5.99 -3.75
O1 XSL F . -1.79 6.61 -6.61
C14 XSL F . -7.38 6.14 -2.04
C15 XSL F . -6.87 4.88 -2.13
C16 XSL F . -5.63 4.69 -2.68
C13 XSL F . -6.64 7.23 -2.49
C12 XSL F . -5.38 7.02 -3.03
C11 XSL F . -4.84 5.74 -3.13
C10 XSL F . -3.47 5.52 -3.72
C1 XSL F . -1.55 5.42 -6.44
C3 XSL F . 0.82 4.06 -5.18
C2 XSL F . -0.36 4.80 -7.15
N1 XSL F . -2.30 4.61 -5.69
C4 XSL F . 1.55 5.22 -4.95
C9 XSL F . -3.58 5.00 -5.14
C8 XSL F . 0.64 3.12 -4.15
C7 XSL F . 1.21 3.37 -2.90
C6 XSL F . 1.93 4.54 -2.68
C5 XSL F . 2.09 5.46 -3.69
O2 XSL F . 0.25 3.75 -6.39
P1 XSL F . -0.28 1.60 -4.44
O3 XSL F . 0.56 0.75 -5.37
O4 XSL F . -0.48 0.91 -3.11
O5 XSL F . -1.61 1.92 -5.05
F1 XSL F . -2.76 6.67 -3.70
F2 XSL F . -2.77 4.63 -2.96
F3 XSL F . -5.14 3.43 -2.75
#